data_4R4Q
#
_entry.id   4R4Q
#
_cell.length_a   38.161
_cell.length_b   53.934
_cell.length_c   53.975
_cell.angle_alpha   90.00
_cell.angle_beta   90.00
_cell.angle_gamma   90.00
#
_symmetry.space_group_name_H-M   'P 21 21 21'
#
loop_
_entity.id
_entity.type
_entity.pdbx_description
1 polymer 'Replication protein A 70 kDa DNA-binding subunit'
2 non-polymer '5-[4-({acetyl[4-(5-carboxyfuran-2-yl)benzyl]amino}methyl)phenyl]-1-(3,4-dichlorophenyl)-1H-pyrazole-3-carboxylic acid'
3 water water
#
_entity_poly.entity_id   1
_entity_poly.type   'polypeptide(L)'
_entity_poly.pdbx_seq_one_letter_code
;GSHMVGQLSRGAIAAIMQKGDTNIKPILQVINIRPITTGNSPPRYRLLMSDGLNTLSSFMLATQLNPLVEEEQLSSNCVC
QIHRFIVNTLKDGRRVVILMELEVLKSAEAVGVKIGNPVPYNE
;
_entity_poly.pdbx_strand_id   A
#
# COMPACT_ATOMS: atom_id res chain seq x y z
N HIS A 3 -1.53 19.38 -10.15
CA HIS A 3 -0.32 18.98 -9.44
C HIS A 3 -0.55 17.60 -8.77
N MET A 4 -0.67 16.53 -9.52
CA MET A 4 -1.24 15.30 -8.98
C MET A 4 -0.44 14.67 -7.87
N VAL A 5 0.87 14.81 -7.90
CA VAL A 5 1.72 14.23 -6.88
C VAL A 5 1.50 14.91 -5.51
N GLY A 6 0.94 16.09 -5.55
CA GLY A 6 0.48 16.74 -4.35
C GLY A 6 -0.65 16.06 -3.60
N GLN A 7 -1.26 15.07 -4.22
CA GLN A 7 -2.28 14.31 -3.56
C GLN A 7 -1.72 13.22 -2.71
N LEU A 8 -0.42 12.90 -2.84
CA LEU A 8 0.15 11.77 -2.15
C LEU A 8 1.13 12.20 -1.07
N SER A 9 1.31 11.41 -0.05
CA SER A 9 2.19 11.72 1.07
C SER A 9 3.65 11.52 0.73
N ARG A 10 4.19 12.43 -0.08
CA ARG A 10 5.60 12.33 -0.49
C ARG A 10 6.49 12.26 0.70
N GLY A 11 7.31 11.25 0.76
CA GLY A 11 8.24 11.05 1.85
C GLY A 11 7.76 10.06 2.91
N ALA A 12 6.52 9.61 2.80
CA ALA A 12 6.02 8.65 3.78
C ALA A 12 6.67 7.29 3.71
N ILE A 13 7.04 6.85 2.52
CA ILE A 13 7.72 5.55 2.46
C ILE A 13 9.07 5.63 3.16
N ALA A 14 9.85 6.68 2.93
CA ALA A 14 11.13 6.83 3.66
C ALA A 14 10.86 6.93 5.14
N ALA A 15 9.84 7.62 5.55
CA ALA A 15 9.54 7.72 6.95
C ALA A 15 9.28 6.38 7.59
N ILE A 16 8.47 5.57 6.92
CA ILE A 16 8.12 4.26 7.42
C ILE A 16 9.33 3.35 7.47
N MET A 17 10.20 3.45 6.48
CA MET A 17 11.33 2.55 6.40
C MET A 17 12.61 3.05 7.13
N GLN A 18 12.85 4.34 7.18
CA GLN A 18 14.05 4.89 7.80
C GLN A 18 13.82 5.20 9.28
N LYS A 19 12.65 5.77 9.59
CA LYS A 19 12.38 6.23 10.96
C LYS A 19 11.53 5.25 11.73
N GLY A 20 10.84 4.38 11.02
CA GLY A 20 9.92 3.45 11.65
C GLY A 20 8.74 4.21 12.22
N ASP A 21 8.31 5.25 11.53
CA ASP A 21 7.15 6.02 11.94
C ASP A 21 5.87 5.23 11.68
N THR A 22 5.13 4.95 12.75
CA THR A 22 3.93 4.12 12.68
C THR A 22 2.66 4.94 12.99
N ASN A 23 2.80 6.23 13.29
CA ASN A 23 1.66 7.05 13.66
C ASN A 23 1.07 7.89 12.49
N ILE A 24 1.84 8.04 11.43
CA ILE A 24 1.39 8.77 10.25
C ILE A 24 0.22 8.02 9.63
N LYS A 25 -0.62 8.74 8.90
CA LYS A 25 -1.74 8.17 8.19
C LYS A 25 -1.60 8.57 6.74
N PRO A 26 -0.58 8.01 6.06
CA PRO A 26 -0.21 8.52 4.75
C PRO A 26 -1.18 8.17 3.68
N ILE A 27 -1.23 9.03 2.67
CA ILE A 27 -1.98 8.82 1.45
C ILE A 27 -1.08 8.29 0.36
N LEU A 28 -1.41 7.09 -0.14
CA LEU A 28 -0.57 6.37 -1.08
C LEU A 28 -1.40 5.93 -2.26
N GLN A 29 -0.73 5.72 -3.39
CA GLN A 29 -1.38 5.16 -4.56
C GLN A 29 -0.96 3.71 -4.74
N VAL A 30 -1.97 2.92 -5.03
CA VAL A 30 -1.77 1.52 -5.39
C VAL A 30 -1.30 1.45 -6.84
N ILE A 31 -0.14 0.86 -7.03
CA ILE A 31 0.39 0.69 -8.40
C ILE A 31 0.05 -0.68 -8.89
N ASN A 32 0.17 -1.73 -8.07
CA ASN A 32 -0.20 -3.05 -8.47
C ASN A 32 -0.60 -3.85 -7.28
N ILE A 33 -1.42 -4.86 -7.53
CA ILE A 33 -1.83 -5.81 -6.51
C ILE A 33 -1.77 -7.21 -7.10
N ARG A 34 -1.20 -8.13 -6.34
CA ARG A 34 -1.04 -9.52 -6.77
C ARG A 34 -1.28 -10.43 -5.61
N PRO A 35 -1.95 -11.55 -5.83
CA PRO A 35 -2.05 -12.56 -4.81
C PRO A 35 -0.74 -13.27 -4.59
N ILE A 36 -0.55 -13.73 -3.38
CA ILE A 36 0.61 -14.55 -3.04
C ILE A 36 0.17 -15.99 -3.01
N THR A 37 1.09 -16.93 -3.22
CA THR A 37 0.72 -18.33 -3.06
C THR A 37 0.49 -18.68 -1.58
N THR A 38 -0.74 -19.10 -1.23
CA THR A 38 -1.06 -19.39 0.17
C THR A 38 -1.40 -20.85 0.38
N GLY A 39 -2.16 -21.40 -0.56
CA GLY A 39 -2.67 -22.75 -0.42
C GLY A 39 -3.95 -22.82 0.41
N ASN A 40 -3.95 -23.70 1.40
CA ASN A 40 -5.16 -24.02 2.15
C ASN A 40 -5.44 -23.06 3.30
N SER A 41 -5.56 -21.77 2.96
CA SER A 41 -5.77 -20.71 3.93
C SER A 41 -6.13 -19.53 3.04
N PRO A 42 -6.67 -18.44 3.62
CA PRO A 42 -7.22 -17.35 2.80
C PRO A 42 -6.19 -16.72 1.86
N PRO A 43 -6.60 -16.20 0.70
CA PRO A 43 -5.59 -15.51 -0.09
C PRO A 43 -4.97 -14.36 0.66
N ARG A 44 -3.76 -14.00 0.29
CA ARG A 44 -3.12 -12.80 0.79
C ARG A 44 -2.70 -12.00 -0.41
N TYR A 45 -2.83 -10.70 -0.31
CA TYR A 45 -2.48 -9.78 -1.38
C TYR A 45 -1.28 -8.96 -1.01
N ARG A 46 -0.36 -8.88 -1.96
CA ARG A 46 0.83 -8.03 -1.88
C ARG A 46 0.65 -6.85 -2.78
N LEU A 47 1.06 -5.67 -2.32
CA LEU A 47 0.81 -4.43 -3.05
C LEU A 47 2.13 -3.70 -3.31
N LEU A 48 2.24 -3.16 -4.51
CA LEU A 48 3.26 -2.17 -4.86
C LEU A 48 2.56 -0.83 -4.70
N MET A 49 3.05 0.02 -3.78
CA MET A 49 2.40 1.30 -3.55
CA MET A 49 2.44 1.29 -3.41
C MET A 49 3.36 2.43 -3.72
N SER A 50 2.78 3.55 -4.08
CA SER A 50 3.55 4.80 -4.22
C SER A 50 3.16 5.92 -3.31
N ASP A 51 4.18 6.68 -2.85
CA ASP A 51 3.94 7.94 -2.13
C ASP A 51 4.18 9.13 -3.03
N GLY A 52 4.37 8.96 -4.33
CA GLY A 52 4.64 10.07 -5.24
C GLY A 52 6.11 10.29 -5.48
N LEU A 53 6.90 9.84 -4.55
CA LEU A 53 8.36 9.95 -4.65
C LEU A 53 9.03 8.60 -4.90
N ASN A 54 8.61 7.65 -4.06
CA ASN A 54 9.06 6.29 -4.10
C ASN A 54 7.94 5.32 -4.31
N THR A 55 8.29 4.15 -4.82
CA THR A 55 7.44 2.94 -4.71
C THR A 55 8.06 1.99 -3.74
N LEU A 56 7.30 1.09 -3.20
CA LEU A 56 7.75 0.04 -2.27
C LEU A 56 6.83 -1.16 -2.53
N SER A 57 7.43 -2.34 -2.63
CA SER A 57 6.74 -3.53 -3.01
C SER A 57 6.37 -4.42 -1.84
N SER A 58 6.72 -4.03 -0.63
CA SER A 58 6.57 -4.98 0.49
CA SER A 58 6.61 -4.94 0.51
C SER A 58 5.39 -4.70 1.38
N PHE A 59 4.32 -4.22 0.79
CA PHE A 59 3.06 -4.07 1.48
C PHE A 59 2.26 -5.33 1.34
N MET A 60 1.58 -5.66 2.43
CA MET A 60 0.64 -6.77 2.46
C MET A 60 -0.66 -6.33 3.13
N LEU A 61 -1.78 -6.81 2.61
CA LEU A 61 -3.08 -6.47 3.14
C LEU A 61 -3.48 -7.42 4.24
N ALA A 62 -4.03 -6.86 5.31
CA ALA A 62 -4.63 -7.71 6.32
C ALA A 62 -5.76 -8.49 5.70
N THR A 63 -5.93 -9.76 6.09
CA THR A 63 -6.95 -10.62 5.52
CA THR A 63 -6.95 -10.57 5.43
C THR A 63 -8.34 -10.04 5.61
N GLN A 64 -8.60 -9.32 6.71
CA GLN A 64 -9.89 -8.69 6.91
C GLN A 64 -10.24 -7.69 5.82
N LEU A 65 -9.25 -7.17 5.08
CA LEU A 65 -9.52 -6.25 4.03
C LEU A 65 -9.61 -6.87 2.64
N ASN A 66 -9.49 -8.20 2.59
CA ASN A 66 -9.57 -8.88 1.30
C ASN A 66 -10.81 -8.52 0.44
N PRO A 67 -11.97 -8.33 1.07
CA PRO A 67 -13.15 -7.99 0.26
C PRO A 67 -12.96 -6.74 -0.55
N LEU A 68 -12.14 -5.80 -0.09
CA LEU A 68 -11.93 -4.60 -0.90
CA LEU A 68 -11.85 -4.58 -0.88
C LEU A 68 -11.25 -4.90 -2.23
N VAL A 69 -10.40 -5.90 -2.26
CA VAL A 69 -9.75 -6.32 -3.48
C VAL A 69 -10.74 -7.16 -4.28
N GLU A 70 -11.40 -8.08 -3.65
CA GLU A 70 -12.27 -9.01 -4.35
C GLU A 70 -13.49 -8.34 -4.95
N GLU A 71 -13.96 -7.26 -4.34
CA GLU A 71 -15.10 -6.52 -4.92
C GLU A 71 -14.67 -5.31 -5.74
N GLU A 72 -13.36 -5.22 -6.00
CA GLU A 72 -12.73 -4.27 -6.93
C GLU A 72 -12.74 -2.83 -6.52
N GLN A 73 -12.87 -2.56 -5.22
CA GLN A 73 -12.79 -1.17 -4.77
C GLN A 73 -11.36 -0.73 -4.55
N LEU A 74 -10.53 -1.66 -4.19
CA LEU A 74 -9.11 -1.39 -4.02
C LEU A 74 -8.46 -2.06 -5.22
N SER A 75 -7.93 -1.26 -6.15
CA SER A 75 -7.41 -1.73 -7.44
CA SER A 75 -7.27 -1.81 -7.33
C SER A 75 -6.27 -0.83 -7.89
N SER A 76 -5.52 -1.26 -8.90
CA SER A 76 -4.43 -0.46 -9.44
C SER A 76 -4.89 0.94 -9.88
N ASN A 77 -4.18 1.92 -9.36
CA ASN A 77 -4.37 3.34 -9.61
C ASN A 77 -5.15 4.01 -8.53
N CYS A 78 -5.84 3.29 -7.65
CA CYS A 78 -6.63 3.99 -6.64
C CYS A 78 -5.70 4.68 -5.63
N VAL A 79 -6.24 5.72 -4.98
CA VAL A 79 -5.54 6.46 -3.96
C VAL A 79 -6.20 6.20 -2.62
N CYS A 80 -5.41 5.80 -1.64
CA CYS A 80 -5.97 5.49 -0.32
CA CYS A 80 -5.86 5.33 -0.29
C CYS A 80 -5.21 6.08 0.82
N GLN A 81 -5.94 6.27 1.88
CA GLN A 81 -5.28 6.70 3.14
C GLN A 81 -5.14 5.54 4.04
N ILE A 82 -3.93 5.31 4.55
CA ILE A 82 -3.65 4.28 5.52
C ILE A 82 -3.84 4.82 6.95
N HIS A 83 -4.82 4.23 7.60
CA HIS A 83 -5.20 4.61 8.94
C HIS A 83 -4.52 3.89 10.08
N ARG A 84 -4.15 2.72 9.79
CA ARG A 84 -3.41 1.73 10.64
C ARG A 84 -2.56 0.70 9.91
N PHE A 85 -1.29 0.59 10.29
CA PHE A 85 -0.41 -0.38 9.70
C PHE A 85 0.57 -0.87 10.73
N ILE A 86 1.14 -2.04 10.48
CA ILE A 86 2.15 -2.67 11.35
CA ILE A 86 2.22 -2.50 11.35
C ILE A 86 3.35 -2.98 10.48
N VAL A 87 4.54 -2.94 11.03
CA VAL A 87 5.75 -3.30 10.30
C VAL A 87 6.26 -4.60 10.94
N ASN A 88 6.60 -5.57 10.13
CA ASN A 88 7.19 -6.79 10.64
C ASN A 88 8.44 -7.02 9.86
N THR A 89 9.42 -7.67 10.46
CA THR A 89 10.71 -7.91 9.86
C THR A 89 10.93 -9.41 9.71
N LEU A 90 11.28 -9.81 8.52
CA LEU A 90 11.54 -11.22 8.22
C LEU A 90 12.91 -11.65 8.70
N LYS A 91 13.12 -12.96 8.81
CA LYS A 91 14.39 -13.48 9.26
C LYS A 91 15.54 -12.97 8.38
N ASP A 92 15.27 -12.72 7.11
CA ASP A 92 16.31 -12.32 6.18
C ASP A 92 16.61 -10.82 6.23
N GLY A 93 15.84 -10.06 7.04
CA GLY A 93 16.03 -8.64 7.21
C GLY A 93 15.08 -7.74 6.46
N ARG A 94 14.30 -8.27 5.53
CA ARG A 94 13.31 -7.45 4.82
C ARG A 94 12.13 -7.08 5.73
N ARG A 95 11.68 -5.85 5.60
CA ARG A 95 10.52 -5.37 6.33
C ARG A 95 9.29 -5.48 5.46
N VAL A 96 8.20 -5.91 6.09
CA VAL A 96 6.91 -6.02 5.45
C VAL A 96 5.95 -5.09 6.17
N VAL A 97 5.21 -4.34 5.38
CA VAL A 97 4.24 -3.37 5.89
C VAL A 97 2.84 -3.94 5.72
N ILE A 98 2.21 -4.25 6.83
CA ILE A 98 0.90 -4.84 6.82
C ILE A 98 -0.17 -3.79 7.02
N LEU A 99 -1.01 -3.63 5.99
CA LEU A 99 -2.07 -2.62 6.03
C LEU A 99 -3.27 -3.17 6.75
N MET A 100 -3.63 -2.56 7.88
CA MET A 100 -4.72 -3.05 8.72
C MET A 100 -5.98 -2.26 8.55
N GLU A 101 -5.94 -1.01 8.29
CA GLU A 101 -7.12 -0.20 8.06
CA GLU A 101 -7.12 -0.20 8.06
C GLU A 101 -6.74 0.78 7.00
N LEU A 102 -7.57 0.91 6.01
CA LEU A 102 -7.38 1.97 5.05
C LEU A 102 -8.67 2.36 4.45
N GLU A 103 -8.62 3.57 3.91
N GLU A 103 -8.74 3.57 3.89
CA GLU A 103 -9.66 4.16 3.13
CA GLU A 103 -9.93 4.12 3.21
C GLU A 103 -9.26 4.31 1.67
C GLU A 103 -9.55 4.63 1.80
N VAL A 104 -10.23 4.12 0.77
CA VAL A 104 -10.04 4.52 -0.58
C VAL A 104 -10.58 5.92 -0.73
N LEU A 105 -9.80 6.85 -1.13
CA LEU A 105 -10.17 8.23 -1.19
C LEU A 105 -10.60 8.50 -2.61
N LYS A 106 -9.94 7.90 -3.59
CA LYS A 106 -10.34 8.04 -5.00
C LYS A 106 -10.21 6.68 -5.64
N SER A 107 -11.25 6.26 -6.35
CA SER A 107 -11.23 4.97 -7.05
C SER A 107 -10.20 4.96 -8.16
N ALA A 108 -9.79 3.76 -8.56
CA ALA A 108 -8.90 3.62 -9.68
C ALA A 108 -9.44 4.34 -10.90
N GLU A 109 -10.74 4.16 -11.12
CA GLU A 109 -11.39 4.72 -12.28
C GLU A 109 -11.41 6.27 -12.28
N ALA A 110 -11.40 6.88 -11.11
CA ALA A 110 -11.36 8.34 -10.95
C ALA A 110 -10.00 8.94 -11.03
N VAL A 111 -8.96 8.14 -10.86
CA VAL A 111 -7.57 8.59 -10.94
C VAL A 111 -7.00 8.25 -12.31
N GLY A 112 -6.99 6.98 -12.66
CA GLY A 112 -6.78 6.58 -14.05
C GLY A 112 -5.41 6.34 -14.53
N VAL A 113 -4.42 6.78 -13.76
CA VAL A 113 -3.03 6.68 -14.16
C VAL A 113 -2.15 6.61 -12.93
N LYS A 114 -0.95 6.06 -13.07
CA LYS A 114 0.11 6.22 -12.06
C LYS A 114 0.47 7.71 -11.97
N ILE A 115 0.45 8.24 -10.76
CA ILE A 115 0.76 9.64 -10.47
C ILE A 115 2.26 9.82 -10.39
N GLY A 116 2.75 10.74 -11.20
CA GLY A 116 4.12 11.13 -11.06
C GLY A 116 5.05 10.09 -11.62
N ASN A 117 6.30 10.12 -11.15
CA ASN A 117 7.30 9.17 -11.60
C ASN A 117 8.11 8.68 -10.42
N PRO A 118 7.47 7.99 -9.50
CA PRO A 118 8.13 7.45 -8.31
C PRO A 118 9.18 6.41 -8.64
N VAL A 119 10.22 6.32 -7.82
CA VAL A 119 11.35 5.41 -8.07
C VAL A 119 11.35 4.38 -6.96
N PRO A 120 11.84 3.19 -7.24
CA PRO A 120 11.87 2.18 -6.20
C PRO A 120 12.70 2.58 -4.99
N TYR A 121 12.15 2.40 -3.81
CA TYR A 121 12.84 2.54 -2.55
C TYR A 121 13.84 1.38 -2.39
N ASN A 122 15.01 1.69 -1.88
CA ASN A 122 16.07 0.71 -1.76
C ASN A 122 16.23 0.54 -0.27
N GLU A 123 15.64 -0.51 0.29
CA GLU A 123 15.94 -0.85 1.69
C GLU A 123 15.49 0.24 2.66
#